data_1B7X
#
_entry.id   1B7X
#
_cell.length_a   50.600
_cell.length_b   73.700
_cell.length_c   89.900
_cell.angle_alpha   90.00
_cell.angle_beta   90.00
_cell.angle_gamma   90.00
#
_symmetry.space_group_name_H-M   'P 21 21 21'
#
loop_
_entity.id
_entity.type
_entity.pdbx_description
1 polymer 'PROTEIN (THROMBIN LIGHT CHAIN)'
2 polymer 'PROTEIN (THROMBIN HEAVY CHAIN)'
3 polymer 'PROTEIN (INHIBITOR)'
4 water water
#
loop_
_entity_poly.entity_id
_entity_poly.type
_entity_poly.pdbx_seq_one_letter_code
_entity_poly.pdbx_strand_id
1 'polypeptide(L)' TFGSGEADCGLRPLFEKKSLEDKTERELLESYIDGR A
2 'polypeptide(L)'
;IVEGSDAEIGMSPWQVMLFRKSPQELLCGASLISDRWVLTAAHCLLYPPWDKNFTENDLLVRIGKHSRTRYERNIEKISM
LEKIYIHPRYNWRENLDRDIALMKLKKPVAFSDYIHPVCLPDRETAASLLQAGYKGRVTGWGNLKETWTANVGKGQPSVL
QVVNLPIVERPVCKDSTRIRITDNMFCAGYKPDEGKRGDACEGDSGGPFVMKSPFNNRWYQMGIVSWGEGCDRDGKIGFY
THVFRLKKWIQKVIDQFGE
;
B
3 'polypeptide(L)' FPR C
#
# COMPACT_ATOMS: atom_id res chain seq x y z
N ALA A 7 -12.29 -17.08 -5.29
CA ALA A 7 -11.11 -16.31 -4.82
C ALA A 7 -10.35 -15.78 -6.05
N ASP A 8 -10.87 -14.70 -6.61
CA ASP A 8 -10.33 -14.06 -7.80
C ASP A 8 -9.42 -12.91 -7.39
N CYS A 9 -8.28 -13.20 -6.76
CA CYS A 9 -7.40 -12.13 -6.32
C CYS A 9 -5.94 -12.34 -6.61
N GLY A 10 -5.20 -11.25 -6.76
CA GLY A 10 -3.76 -11.32 -6.99
C GLY A 10 -3.29 -11.84 -8.33
N LEU A 11 -4.22 -11.95 -9.28
CA LEU A 11 -3.92 -12.46 -10.63
C LEU A 11 -4.26 -11.38 -11.61
N ARG A 12 -3.24 -10.71 -12.10
CA ARG A 12 -3.43 -9.62 -13.03
C ARG A 12 -3.81 -10.07 -14.44
N PRO A 13 -4.90 -9.54 -14.96
CA PRO A 13 -5.34 -9.90 -16.30
C PRO A 13 -4.27 -9.72 -17.38
N LEU A 14 -3.52 -8.62 -17.34
CA LEU A 14 -2.52 -8.39 -18.37
C LEU A 14 -1.17 -9.02 -18.11
N PHE A 15 -1.06 -9.80 -17.04
CA PHE A 15 0.18 -10.46 -16.73
C PHE A 15 -0.10 -11.91 -16.33
N GLU A 16 -0.31 -12.20 -15.07
CA GLU A 16 -0.56 -13.57 -14.67
C GLU A 16 -1.50 -14.28 -15.66
N LYS A 17 -2.65 -13.67 -15.95
CA LYS A 17 -3.63 -14.28 -16.84
C LYS A 17 -3.17 -14.52 -18.28
N LYS A 18 -2.26 -13.69 -18.79
CA LYS A 18 -1.76 -13.82 -20.15
C LYS A 18 -0.38 -14.44 -20.08
N SER A 19 -0.09 -15.07 -18.95
CA SER A 19 1.20 -15.71 -18.76
C SER A 19 2.34 -14.79 -19.16
N LEU A 20 2.24 -13.51 -18.77
CA LEU A 20 3.31 -12.55 -19.05
C LEU A 20 3.87 -12.00 -17.72
N GLU A 21 5.18 -11.79 -17.65
CA GLU A 21 5.75 -11.30 -16.43
C GLU A 21 6.12 -9.83 -16.60
N ASP A 22 5.95 -9.04 -15.54
CA ASP A 22 6.26 -7.62 -15.64
C ASP A 22 7.77 -7.44 -15.62
N LYS A 23 8.22 -6.21 -15.88
CA LYS A 23 9.64 -5.87 -15.95
C LYS A 23 10.50 -6.02 -14.69
N THR A 24 9.88 -6.16 -13.52
CA THR A 24 10.69 -6.25 -12.31
C THR A 24 10.32 -7.35 -11.34
N GLU A 25 9.21 -8.05 -11.57
CA GLU A 25 8.79 -9.10 -10.65
C GLU A 25 9.81 -10.20 -10.41
N ARG A 26 10.79 -10.33 -11.31
CA ARG A 26 11.82 -11.35 -11.16
C ARG A 26 12.74 -10.96 -10.01
N GLU A 27 12.85 -9.65 -9.74
CA GLU A 27 13.67 -9.21 -8.61
C GLU A 27 13.11 -9.84 -7.31
N LEU A 28 11.79 -9.91 -7.20
CA LEU A 28 11.16 -10.50 -6.03
C LEU A 28 11.48 -11.99 -5.95
N LEU A 29 11.33 -12.70 -7.06
CA LEU A 29 11.64 -14.13 -7.08
C LEU A 29 13.12 -14.40 -6.69
N GLU A 30 14.01 -13.58 -7.21
CA GLU A 30 15.43 -13.68 -6.92
C GLU A 30 15.72 -13.55 -5.41
N SER A 31 15.02 -12.63 -4.75
CA SER A 31 15.20 -12.38 -3.31
C SER A 31 14.84 -13.59 -2.48
N TYR A 32 13.91 -14.41 -2.96
CA TYR A 32 13.54 -15.60 -2.19
C TYR A 32 14.71 -16.58 -2.15
N ILE B 1 6.83 8.14 -4.33
CA ILE B 1 7.88 7.07 -4.35
C ILE B 1 9.21 7.68 -4.82
N VAL B 2 10.28 7.38 -4.12
CA VAL B 2 11.59 7.90 -4.44
C VAL B 2 12.46 6.83 -5.07
N GLU B 3 13.14 7.19 -6.16
CA GLU B 3 14.04 6.26 -6.85
C GLU B 3 13.36 4.98 -7.38
N GLY B 4 12.13 5.09 -7.89
CA GLY B 4 11.45 3.94 -8.42
C GLY B 4 11.26 4.12 -9.92
N SER B 5 10.29 3.43 -10.50
CA SER B 5 10.06 3.60 -11.93
C SER B 5 8.57 3.68 -12.23
N ASP B 6 8.23 4.01 -13.47
CA ASP B 6 6.82 4.09 -13.87
C ASP B 6 6.25 2.68 -13.87
N ALA B 7 4.98 2.55 -13.53
CA ALA B 7 4.35 1.24 -13.51
C ALA B 7 3.91 0.92 -14.96
N GLU B 8 3.87 -0.38 -15.29
CA GLU B 8 3.43 -0.81 -16.62
C GLU B 8 1.91 -0.82 -16.53
N ILE B 9 1.23 -0.59 -17.65
CA ILE B 9 -0.23 -0.60 -17.65
C ILE B 9 -0.71 -1.96 -17.10
N GLY B 10 -1.66 -1.91 -16.18
CA GLY B 10 -2.18 -3.15 -15.61
C GLY B 10 -1.29 -3.80 -14.59
N MET B 11 -0.13 -3.22 -14.32
CA MET B 11 0.80 -3.78 -13.35
C MET B 11 0.29 -3.82 -11.90
N SER B 12 -0.51 -2.83 -11.50
CA SER B 12 -1.06 -2.77 -10.13
C SER B 12 -2.54 -2.43 -10.21
N PRO B 13 -3.36 -3.38 -10.67
CA PRO B 13 -4.81 -3.18 -10.83
C PRO B 13 -5.59 -2.99 -9.54
N TRP B 14 -4.96 -3.29 -8.41
CA TRP B 14 -5.59 -3.13 -7.11
C TRP B 14 -5.30 -1.73 -6.55
N GLN B 15 -4.47 -0.96 -7.26
CA GLN B 15 -4.12 0.39 -6.84
C GLN B 15 -5.37 1.31 -6.74
N VAL B 16 -5.50 1.98 -5.61
CA VAL B 16 -6.64 2.89 -5.42
C VAL B 16 -6.17 4.27 -4.99
N MET B 17 -6.84 5.28 -5.51
CA MET B 17 -6.50 6.66 -5.17
C MET B 17 -7.60 7.26 -4.29
N LEU B 18 -7.20 7.75 -3.12
CA LEU B 18 -8.11 8.40 -2.16
C LEU B 18 -8.05 9.90 -2.42
N PHE B 19 -9.19 10.49 -2.74
CA PHE B 19 -9.25 11.91 -3.03
C PHE B 19 -10.15 12.67 -2.05
N ARG B 20 -9.84 13.94 -1.86
CA ARG B 20 -10.65 14.80 -1.04
C ARG B 20 -11.67 15.28 -2.08
N LYS B 21 -12.94 15.14 -1.78
CA LYS B 21 -14.01 15.52 -2.69
C LYS B 21 -13.98 16.97 -3.15
N SER B 22 -14.01 17.92 -2.22
CA SER B 22 -14.01 19.32 -2.61
C SER B 22 -13.37 20.19 -1.54
N PRO B 23 -12.27 20.88 -1.89
CA PRO B 23 -11.64 20.91 -3.21
C PRO B 23 -10.95 19.61 -3.58
N GLN B 24 -11.13 19.21 -4.84
CA GLN B 24 -10.51 18.02 -5.36
C GLN B 24 -9.05 18.01 -4.92
N GLU B 25 -8.61 16.90 -4.34
CA GLU B 25 -7.25 16.82 -3.86
C GLU B 25 -6.86 15.38 -3.56
N LEU B 26 -5.74 14.91 -4.14
CA LEU B 26 -5.29 13.55 -3.87
C LEU B 26 -4.68 13.52 -2.47
N LEU B 27 -5.15 12.60 -1.63
CA LEU B 27 -4.65 12.49 -0.27
C LEU B 27 -3.67 11.33 0.02
N CYS B 28 -4.03 10.14 -0.44
CA CYS B 28 -3.22 8.97 -0.18
C CYS B 28 -3.47 7.86 -1.19
N GLY B 29 -2.76 6.76 -0.99
CA GLY B 29 -2.96 5.58 -1.80
C GLY B 29 -3.97 4.74 -1.01
N ALA B 30 -4.19 3.52 -1.49
CA ALA B 30 -5.12 2.56 -0.90
C ALA B 30 -5.09 1.36 -1.83
N SER B 31 -5.79 0.30 -1.48
CA SER B 31 -5.79 -0.87 -2.32
C SER B 31 -7.11 -1.58 -2.28
N LEU B 32 -7.50 -2.17 -3.42
CA LEU B 32 -8.75 -2.89 -3.56
C LEU B 32 -8.54 -4.33 -3.07
N ILE B 33 -9.38 -4.80 -2.16
CA ILE B 33 -9.24 -6.15 -1.64
C ILE B 33 -10.44 -7.02 -1.99
N SER B 34 -11.44 -6.42 -2.63
CA SER B 34 -12.63 -7.11 -3.08
C SER B 34 -13.36 -6.10 -3.98
N ASP B 35 -14.54 -6.45 -4.49
CA ASP B 35 -15.27 -5.51 -5.33
C ASP B 35 -15.86 -4.34 -4.52
N ARG B 36 -15.71 -4.34 -3.20
CA ARG B 36 -16.31 -3.23 -2.43
C ARG B 36 -15.59 -2.87 -1.13
N TRP B 37 -14.43 -3.46 -0.90
CA TRP B 37 -13.65 -3.17 0.31
C TRP B 37 -12.26 -2.68 -0.08
N VAL B 38 -11.89 -1.52 0.47
CA VAL B 38 -10.61 -0.90 0.19
C VAL B 38 -9.80 -0.66 1.49
N LEU B 39 -8.50 -0.92 1.43
CA LEU B 39 -7.60 -0.79 2.56
C LEU B 39 -6.78 0.49 2.44
N THR B 40 -6.44 1.08 3.59
CA THR B 40 -5.63 2.28 3.58
C THR B 40 -5.08 2.54 4.98
N ALA B 41 -4.25 3.57 5.13
CA ALA B 41 -3.67 3.86 6.44
C ALA B 41 -4.62 4.78 7.22
N ALA B 42 -4.80 4.47 8.49
CA ALA B 42 -5.71 5.27 9.31
C ALA B 42 -5.33 6.75 9.22
N HIS B 43 -4.03 7.05 9.32
CA HIS B 43 -3.60 8.45 9.29
C HIS B 43 -4.01 9.23 8.05
N CYS B 44 -4.42 8.51 7.02
CA CYS B 44 -4.88 9.14 5.81
C CYS B 44 -6.25 9.77 6.01
N LEU B 45 -7.02 9.20 6.95
CA LEU B 45 -8.36 9.70 7.24
C LEU B 45 -8.49 10.36 8.61
N LEU B 46 -7.66 9.95 9.56
CA LEU B 46 -7.72 10.51 10.90
C LEU B 46 -6.34 10.80 11.45
N TYR B 47 -6.03 12.10 11.52
CA TYR B 47 -4.79 12.63 12.04
C TYR B 47 -5.06 14.12 12.38
N PRO B 48 -5.67 14.37 13.56
CA PRO B 48 -6.04 15.71 14.06
C PRO B 48 -5.01 16.79 13.91
N PRO B 49 -3.75 16.49 14.23
CA PRO B 49 -2.70 17.51 14.10
C PRO B 49 -2.57 18.14 12.71
N TRP B 50 -3.03 17.45 11.67
CA TRP B 50 -2.94 17.99 10.32
C TRP B 50 -4.34 18.34 9.89
N ASP B 51 -5.26 18.35 10.84
CA ASP B 51 -6.64 18.67 10.55
C ASP B 51 -7.27 17.67 9.62
N LYS B 52 -7.01 16.40 9.89
CA LYS B 52 -7.59 15.34 9.08
C LYS B 52 -8.49 14.50 9.98
N ASN B 53 -9.78 14.58 9.69
CA ASN B 53 -10.79 13.86 10.44
C ASN B 53 -11.95 13.83 9.44
N PHE B 54 -11.79 13.02 8.39
CA PHE B 54 -12.76 12.95 7.31
C PHE B 54 -14.01 12.16 7.57
N THR B 55 -15.10 12.60 6.97
CA THR B 55 -16.36 11.87 7.05
C THR B 55 -16.42 11.13 5.69
N GLU B 56 -17.24 10.09 5.60
CA GLU B 56 -17.35 9.33 4.37
C GLU B 56 -17.73 10.23 3.20
N ASN B 57 -18.58 11.20 3.44
CA ASN B 57 -19.02 12.10 2.37
C ASN B 57 -17.98 13.13 2.01
N ASP B 58 -16.88 13.15 2.74
CA ASP B 58 -15.81 14.11 2.49
C ASP B 58 -14.91 13.67 1.36
N LEU B 59 -14.95 12.38 1.04
CA LEU B 59 -14.05 11.84 0.05
C LEU B 59 -14.65 11.00 -1.07
N LEU B 60 -13.75 10.51 -1.90
CA LEU B 60 -14.11 9.62 -2.99
C LEU B 60 -12.84 8.85 -3.28
N VAL B 61 -12.99 7.81 -4.07
CA VAL B 61 -11.86 6.97 -4.38
C VAL B 61 -11.85 6.81 -5.91
N ARG B 62 -10.64 6.69 -6.46
CA ARG B 62 -10.50 6.48 -7.88
C ARG B 62 -9.72 5.19 -8.09
N ILE B 63 -10.28 4.35 -8.95
CA ILE B 63 -9.73 3.04 -9.26
C ILE B 63 -9.41 2.85 -10.75
N GLY B 64 -8.29 2.19 -11.02
CA GLY B 64 -7.88 1.93 -12.40
C GLY B 64 -7.41 3.14 -13.19
N LYS B 65 -6.92 4.17 -12.50
CA LYS B 65 -6.44 5.38 -13.15
C LYS B 65 -4.95 5.29 -13.47
N HIS B 66 -4.62 5.42 -14.74
CA HIS B 66 -3.25 5.33 -15.22
C HIS B 66 -2.51 6.67 -15.23
N SER B 67 -3.23 7.78 -15.19
CA SER B 67 -2.52 9.05 -15.18
C SER B 67 -3.12 10.11 -14.26
N ARG B 68 -2.36 11.16 -13.99
CA ARG B 68 -2.84 12.22 -13.11
C ARG B 68 -3.52 13.32 -13.91
N TYR B 71 -7.95 11.61 -17.82
CA TYR B 71 -9.16 10.83 -17.56
C TYR B 71 -9.47 9.76 -18.62
N GLU B 72 -9.33 8.49 -18.22
CA GLU B 72 -9.60 7.37 -19.11
C GLU B 72 -11.08 7.06 -19.00
N ARG B 73 -11.87 7.81 -19.76
CA ARG B 73 -13.32 7.69 -19.73
C ARG B 73 -13.92 6.30 -19.48
N ASN B 74 -13.38 5.27 -20.13
CA ASN B 74 -13.94 3.93 -19.97
C ASN B 74 -13.12 2.96 -19.13
N ILE B 75 -11.97 3.39 -18.64
CA ILE B 75 -11.16 2.48 -17.86
C ILE B 75 -11.24 2.66 -16.33
N GLU B 76 -11.02 3.89 -15.86
CA GLU B 76 -11.02 4.17 -14.43
C GLU B 76 -12.42 4.31 -13.85
N LYS B 77 -12.51 3.98 -12.56
CA LYS B 77 -13.77 4.07 -11.83
C LYS B 77 -13.69 5.09 -10.69
N ILE B 78 -14.80 5.79 -10.46
CA ILE B 78 -14.89 6.79 -9.40
C ILE B 78 -15.98 6.32 -8.44
N SER B 79 -15.60 5.98 -7.21
CA SER B 79 -16.58 5.50 -6.23
C SER B 79 -16.71 6.37 -4.99
N MET B 80 -17.92 6.40 -4.45
CA MET B 80 -18.22 7.14 -3.24
C MET B 80 -18.06 6.10 -2.14
N LEU B 81 -17.94 6.57 -0.91
CA LEU B 81 -17.75 5.66 0.22
C LEU B 81 -19.01 5.45 1.03
N GLU B 82 -19.23 4.22 1.43
CA GLU B 82 -20.39 3.88 2.23
C GLU B 82 -20.08 4.13 3.72
N LYS B 83 -18.88 3.76 4.14
CA LYS B 83 -18.49 3.93 5.53
C LYS B 83 -16.99 3.73 5.70
N ILE B 84 -16.44 4.41 6.69
CA ILE B 84 -15.01 4.34 7.01
C ILE B 84 -14.87 3.58 8.31
N TYR B 85 -13.79 2.84 8.47
CA TYR B 85 -13.57 2.15 9.73
C TYR B 85 -12.11 2.32 10.02
N ILE B 86 -11.83 2.98 11.15
CA ILE B 86 -10.48 3.20 11.60
C ILE B 86 -10.19 2.27 12.75
N HIS B 87 -9.02 1.65 12.75
CA HIS B 87 -8.70 0.74 13.82
C HIS B 87 -8.96 1.41 15.19
N PRO B 88 -9.63 0.70 16.09
CA PRO B 88 -9.94 1.24 17.42
C PRO B 88 -8.72 1.60 18.25
N ARG B 89 -7.66 0.81 18.14
CA ARG B 89 -6.44 1.07 18.88
C ARG B 89 -5.33 1.72 18.04
N TYR B 90 -5.75 2.56 17.11
CA TYR B 90 -4.83 3.29 16.25
C TYR B 90 -4.19 4.39 17.11
N ASN B 91 -2.89 4.27 17.34
CA ASN B 91 -2.18 5.22 18.16
C ASN B 91 -1.61 6.40 17.39
N TRP B 92 -2.45 7.38 17.06
CA TRP B 92 -2.00 8.55 16.31
C TRP B 92 -1.19 9.57 17.11
N ARG B 93 -1.33 9.57 18.43
CA ARG B 93 -0.61 10.56 19.21
C ARG B 93 0.84 10.25 19.39
N GLU B 94 1.19 8.96 19.40
CA GLU B 94 2.57 8.58 19.61
C GLU B 94 3.34 8.16 18.37
N ASN B 95 3.27 6.87 18.05
CA ASN B 95 4.02 6.28 16.94
C ASN B 95 3.21 5.76 15.74
N LEU B 96 1.92 6.07 15.65
CA LEU B 96 1.15 5.59 14.52
C LEU B 96 0.93 4.08 14.57
N ASP B 97 0.91 3.51 15.77
CA ASP B 97 0.68 2.10 15.94
C ASP B 97 -0.66 1.71 15.35
N ARG B 98 -0.68 0.61 14.59
CA ARG B 98 -1.89 0.10 13.95
C ARG B 98 -2.50 1.11 12.99
N ASP B 99 -1.66 1.59 12.07
CA ASP B 99 -2.08 2.55 11.05
C ASP B 99 -2.85 1.84 9.93
N ILE B 100 -4.10 1.50 10.18
CA ILE B 100 -4.92 0.79 9.18
C ILE B 100 -6.36 1.22 9.23
N ALA B 101 -7.00 1.14 8.09
CA ALA B 101 -8.40 1.50 8.00
C ALA B 101 -9.02 0.83 6.78
N LEU B 102 -10.34 0.69 6.82
CA LEU B 102 -11.12 0.07 5.75
C LEU B 102 -12.20 1.05 5.31
N MET B 103 -12.42 1.10 4.01
CA MET B 103 -13.44 1.95 3.45
C MET B 103 -14.32 1.06 2.60
N LYS B 104 -15.63 1.17 2.80
CA LYS B 104 -16.56 0.37 2.05
C LYS B 104 -17.19 1.28 1.02
N LEU B 105 -17.12 0.87 -0.24
CA LEU B 105 -17.68 1.66 -1.35
C LEU B 105 -19.20 1.57 -1.42
N LYS B 106 -19.83 2.61 -1.93
CA LYS B 106 -21.30 2.62 -2.03
C LYS B 106 -21.72 1.57 -3.04
N LYS B 107 -21.01 1.50 -4.16
CA LYS B 107 -21.34 0.50 -5.16
C LYS B 107 -20.12 -0.37 -5.48
N PRO B 108 -20.29 -1.69 -5.37
CA PRO B 108 -19.17 -2.58 -5.68
C PRO B 108 -18.67 -2.22 -7.09
N VAL B 109 -17.41 -2.44 -7.37
CA VAL B 109 -16.90 -2.09 -8.68
C VAL B 109 -16.70 -3.35 -9.55
N ALA B 110 -16.91 -3.23 -10.86
CA ALA B 110 -16.73 -4.37 -11.78
C ALA B 110 -15.24 -4.54 -12.08
N PHE B 111 -14.74 -5.77 -11.98
CA PHE B 111 -13.32 -6.01 -12.25
C PHE B 111 -13.09 -5.94 -13.74
N SER B 112 -11.83 -5.71 -14.12
CA SER B 112 -11.51 -5.56 -15.53
C SER B 112 -10.05 -5.89 -15.75
N ASP B 113 -9.54 -5.44 -16.89
CA ASP B 113 -8.14 -5.66 -17.22
C ASP B 113 -7.32 -4.74 -16.33
N TYR B 114 -7.92 -3.61 -15.96
CA TYR B 114 -7.24 -2.60 -15.15
C TYR B 114 -7.64 -2.47 -13.68
N ILE B 115 -8.60 -3.28 -13.26
CA ILE B 115 -9.12 -3.27 -11.90
C ILE B 115 -9.34 -4.69 -11.41
N HIS B 116 -8.65 -5.06 -10.34
CA HIS B 116 -8.76 -6.39 -9.74
C HIS B 116 -8.19 -6.34 -8.33
N PRO B 117 -8.75 -7.11 -7.39
CA PRO B 117 -8.29 -7.16 -5.99
C PRO B 117 -7.00 -7.90 -5.67
N VAL B 118 -6.21 -7.34 -4.76
CA VAL B 118 -4.97 -7.99 -4.31
C VAL B 118 -5.43 -8.97 -3.24
N CYS B 119 -4.63 -10.00 -2.96
CA CYS B 119 -5.04 -10.97 -1.95
C CYS B 119 -4.53 -10.58 -0.57
N LEU B 120 -5.21 -11.06 0.46
CA LEU B 120 -4.82 -10.81 1.83
C LEU B 120 -4.17 -12.11 2.30
N PRO B 121 -2.98 -12.01 2.92
CA PRO B 121 -2.22 -13.15 3.43
C PRO B 121 -2.90 -14.09 4.40
N ASP B 122 -2.56 -15.38 4.29
CA ASP B 122 -3.07 -16.38 5.21
C ASP B 122 -1.85 -16.64 6.09
N ARG B 123 -1.99 -17.48 7.10
CA ARG B 123 -0.90 -17.78 8.01
C ARG B 123 0.36 -18.42 7.40
N GLU B 124 0.23 -19.45 6.55
CA GLU B 124 1.47 -20.01 6.02
C GLU B 124 2.09 -19.11 4.95
N THR B 125 1.27 -18.38 4.20
CA THR B 125 1.82 -17.47 3.19
C THR B 125 2.69 -16.41 3.88
N ALA B 126 2.18 -15.88 4.98
CA ALA B 126 2.89 -14.85 5.72
C ALA B 126 4.19 -15.36 6.34
N ALA B 127 4.11 -16.49 7.03
CA ALA B 127 5.29 -17.04 7.67
C ALA B 127 6.39 -17.17 6.66
N SER B 128 6.08 -17.83 5.56
CA SER B 128 7.05 -18.06 4.51
C SER B 128 7.57 -16.80 3.80
N LEU B 129 6.68 -15.89 3.45
CA LEU B 129 7.10 -14.70 2.73
C LEU B 129 7.71 -13.59 3.57
N LEU B 130 7.22 -13.44 4.80
CA LEU B 130 7.72 -12.39 5.70
C LEU B 130 9.03 -12.78 6.36
N GLN B 131 10.11 -12.62 5.60
CA GLN B 131 11.44 -12.95 6.08
C GLN B 131 12.42 -11.89 5.62
N ALA B 132 13.34 -11.54 6.51
CA ALA B 132 14.35 -10.54 6.22
C ALA B 132 15.03 -10.87 4.91
N GLY B 133 15.32 -9.84 4.12
CA GLY B 133 15.97 -10.04 2.85
C GLY B 133 15.03 -10.26 1.68
N TYR B 134 13.85 -10.81 1.93
CA TYR B 134 12.89 -11.03 0.85
C TYR B 134 12.37 -9.67 0.43
N LYS B 135 12.19 -9.48 -0.88
CA LYS B 135 11.73 -8.19 -1.39
C LYS B 135 10.25 -8.12 -1.70
N GLY B 136 9.71 -6.92 -1.51
CA GLY B 136 8.31 -6.68 -1.79
C GLY B 136 8.23 -5.47 -2.67
N ARG B 137 7.02 -5.04 -3.01
CA ARG B 137 6.82 -3.93 -3.92
C ARG B 137 5.92 -2.84 -3.36
N VAL B 138 6.36 -1.59 -3.50
CA VAL B 138 5.61 -0.42 -3.03
C VAL B 138 5.17 0.34 -4.26
N THR B 139 3.95 0.87 -4.28
CA THR B 139 3.49 1.67 -5.39
C THR B 139 2.78 2.90 -4.85
N GLY B 140 2.85 4.01 -5.60
CA GLY B 140 2.19 5.23 -5.16
C GLY B 140 2.28 6.41 -6.11
N TRP B 141 1.40 7.37 -5.85
CA TRP B 141 1.33 8.60 -6.63
C TRP B 141 1.97 9.74 -5.85
N GLY B 142 2.61 9.37 -4.72
CA GLY B 142 3.28 10.32 -3.84
C GLY B 142 4.50 11.05 -4.35
N ASN B 143 5.16 11.75 -3.42
CA ASN B 143 6.33 12.54 -3.73
C ASN B 143 7.45 11.73 -4.33
N LEU B 144 8.13 12.33 -5.31
CA LEU B 144 9.27 11.71 -5.97
C LEU B 144 10.52 12.00 -5.15
N LYS B 145 10.43 13.04 -4.32
CA LYS B 145 11.55 13.45 -3.47
C LYS B 145 10.97 14.10 -2.24
N GLU B 146 11.76 14.23 -1.18
CA GLU B 146 11.27 14.88 0.05
C GLU B 146 10.70 16.26 -0.24
N GLY B 155 8.54 16.75 -8.51
CA GLY B 155 7.64 16.75 -7.36
C GLY B 155 6.87 15.45 -7.27
N GLN B 156 5.72 15.40 -7.92
CA GLN B 156 4.89 14.21 -7.96
C GLN B 156 4.88 13.70 -9.40
N PRO B 157 4.62 12.41 -9.59
CA PRO B 157 4.60 11.83 -10.94
C PRO B 157 3.25 11.93 -11.66
N SER B 158 3.25 11.71 -12.97
CA SER B 158 2.01 11.73 -13.74
C SER B 158 1.65 10.26 -14.06
N VAL B 159 2.56 9.38 -13.66
CA VAL B 159 2.41 7.93 -13.83
C VAL B 159 2.71 7.21 -12.50
N LEU B 160 1.86 6.26 -12.14
CA LEU B 160 2.03 5.48 -10.92
C LEU B 160 3.44 4.97 -10.87
N GLN B 161 4.09 5.15 -9.72
CA GLN B 161 5.47 4.72 -9.55
C GLN B 161 5.58 3.44 -8.78
N VAL B 162 6.70 2.73 -8.96
CA VAL B 162 6.92 1.45 -8.29
C VAL B 162 8.37 1.24 -7.93
N VAL B 163 8.60 0.52 -6.82
CA VAL B 163 9.94 0.15 -6.40
C VAL B 163 9.83 -1.10 -5.53
N ASN B 164 10.81 -1.98 -5.65
CA ASN B 164 10.84 -3.22 -4.88
C ASN B 164 11.83 -2.97 -3.77
N LEU B 165 11.55 -3.45 -2.57
CA LEU B 165 12.49 -3.20 -1.49
C LEU B 165 12.51 -4.41 -0.63
N PRO B 166 13.67 -4.73 -0.04
CA PRO B 166 13.87 -5.88 0.84
C PRO B 166 13.35 -5.65 2.27
N ILE B 167 12.72 -6.66 2.84
CA ILE B 167 12.23 -6.59 4.21
C ILE B 167 13.45 -6.60 5.15
N VAL B 168 13.50 -5.67 6.11
CA VAL B 168 14.64 -5.58 7.02
C VAL B 168 14.41 -6.22 8.36
N GLU B 169 15.48 -6.73 8.96
CA GLU B 169 15.41 -7.39 10.26
C GLU B 169 14.96 -6.41 11.36
N ARG B 170 14.04 -6.88 12.20
CA ARG B 170 13.47 -6.09 13.28
C ARG B 170 14.52 -5.32 14.07
N PRO B 171 15.53 -6.02 14.59
CA PRO B 171 16.56 -5.32 15.35
C PRO B 171 17.16 -4.16 14.58
N VAL B 172 17.32 -4.32 13.26
CA VAL B 172 17.91 -3.25 12.47
C VAL B 172 16.94 -2.08 12.28
N CYS B 173 15.66 -2.40 12.11
CA CYS B 173 14.63 -1.36 11.93
C CYS B 173 14.60 -0.50 13.19
N LYS B 174 14.62 -1.17 14.33
CA LYS B 174 14.56 -0.47 15.61
C LYS B 174 15.72 0.48 15.74
N ASP B 175 16.90 0.00 15.38
CA ASP B 175 18.11 0.80 15.48
C ASP B 175 18.17 1.99 14.52
N SER B 176 17.34 1.97 13.49
CA SER B 176 17.35 3.05 12.51
C SER B 176 16.58 4.28 12.98
N THR B 177 15.80 4.14 14.03
CA THR B 177 14.96 5.25 14.47
C THR B 177 14.66 5.32 15.96
N ARG B 178 14.43 6.54 16.43
CA ARG B 178 14.09 6.74 17.83
C ARG B 178 12.60 6.51 18.05
N ILE B 179 11.78 6.65 17.02
CA ILE B 179 10.35 6.43 17.20
C ILE B 179 10.20 5.02 17.73
N ARG B 180 9.19 4.80 18.58
CA ARG B 180 8.92 3.49 19.17
C ARG B 180 8.18 2.66 18.15
N ILE B 181 8.84 1.62 17.68
CA ILE B 181 8.25 0.76 16.67
C ILE B 181 7.54 -0.41 17.34
N THR B 182 6.49 -0.90 16.72
CA THR B 182 5.73 -2.02 17.29
C THR B 182 5.73 -3.27 16.39
N ASP B 183 5.17 -4.35 16.93
CA ASP B 183 5.03 -5.61 16.23
C ASP B 183 3.98 -5.45 15.15
N ASN B 184 3.31 -4.29 15.16
CA ASN B 184 2.29 -4.03 14.17
C ASN B 184 2.88 -3.26 12.97
N MET B 185 4.20 -3.19 12.91
CA MET B 185 4.83 -2.52 11.81
C MET B 185 6.02 -3.35 11.35
N PHE B 186 6.57 -3.00 10.19
CA PHE B 186 7.78 -3.64 9.72
C PHE B 186 8.41 -2.61 8.80
N CYS B 187 9.71 -2.72 8.59
CA CYS B 187 10.37 -1.80 7.68
C CYS B 187 11.03 -2.55 6.51
N ALA B 188 11.15 -1.85 5.40
CA ALA B 188 11.72 -2.38 4.18
C ALA B 188 12.47 -1.29 3.48
N GLY B 189 13.64 -1.65 2.99
CA GLY B 189 14.48 -0.73 2.27
C GLY B 189 15.90 -1.22 2.18
N TYR B 190 16.65 -0.55 1.32
CA TYR B 190 18.04 -0.87 1.10
C TYR B 190 18.91 -0.16 2.10
N LYS B 191 20.03 -0.79 2.44
CA LYS B 191 20.98 -0.22 3.35
C LYS B 191 21.98 0.53 2.49
N PRO B 192 22.53 1.66 2.98
CA PRO B 192 23.48 2.36 2.11
C PRO B 192 24.57 1.47 1.54
N ASP B 193 24.93 0.39 2.20
CA ASP B 193 26.00 -0.48 1.68
C ASP B 193 25.46 -1.51 0.68
N GLU B 194 24.17 -1.44 0.38
CA GLU B 194 23.55 -2.39 -0.51
C GLU B 194 23.58 -2.08 -2.00
N GLY B 195 23.80 -0.82 -2.38
CA GLY B 195 23.87 -0.48 -3.80
C GLY B 195 22.62 0.03 -4.51
N LYS B 196 21.43 -0.29 -4.00
CA LYS B 196 20.18 0.15 -4.60
C LYS B 196 19.48 1.10 -3.64
N ARG B 197 18.59 1.94 -4.16
CA ARG B 197 17.84 2.92 -3.37
C ARG B 197 16.33 2.72 -3.51
N GLY B 198 15.57 3.72 -3.06
CA GLY B 198 14.12 3.68 -3.14
C GLY B 198 13.40 3.71 -1.80
N ASP B 199 12.19 4.25 -1.80
CA ASP B 199 11.41 4.33 -0.57
C ASP B 199 10.06 5.01 -0.89
N ALA B 200 9.08 4.81 -0.03
CA ALA B 200 7.82 5.49 -0.22
C ALA B 200 8.10 6.91 0.29
N CYS B 201 7.14 7.80 0.10
CA CYS B 201 7.31 9.19 0.54
C CYS B 201 5.93 9.78 0.83
N GLU B 202 5.92 11.07 1.15
CA GLU B 202 4.66 11.72 1.46
C GLU B 202 3.70 11.55 0.31
N GLY B 203 2.44 11.26 0.63
CA GLY B 203 1.43 11.05 -0.38
C GLY B 203 1.21 9.58 -0.63
N ASP B 204 2.23 8.77 -0.36
CA ASP B 204 2.18 7.34 -0.58
C ASP B 204 1.52 6.53 0.52
N SER B 205 1.20 7.16 1.65
CA SER B 205 0.58 6.43 2.74
C SER B 205 -0.70 5.78 2.28
N GLY B 206 -0.93 4.56 2.77
CA GLY B 206 -2.11 3.82 2.41
C GLY B 206 -1.86 2.89 1.24
N GLY B 207 -0.82 3.21 0.47
CA GLY B 207 -0.43 2.41 -0.68
C GLY B 207 0.04 1.04 -0.22
N PRO B 208 -0.20 0.01 -1.07
CA PRO B 208 0.20 -1.36 -0.73
C PRO B 208 1.67 -1.71 -0.92
N PHE B 209 2.14 -2.66 -0.11
CA PHE B 209 3.50 -3.18 -0.19
C PHE B 209 3.13 -4.63 -0.43
N VAL B 210 3.37 -5.09 -1.65
CA VAL B 210 2.98 -6.45 -2.04
C VAL B 210 4.09 -7.43 -2.32
N MET B 211 3.73 -8.70 -2.25
CA MET B 211 4.63 -9.82 -2.50
C MET B 211 3.93 -10.94 -3.30
N LYS B 212 4.65 -11.52 -4.26
CA LYS B 212 4.11 -12.57 -5.10
C LYS B 212 4.44 -13.95 -4.53
N SER B 213 3.40 -14.77 -4.35
CA SER B 213 3.54 -16.12 -3.79
C SER B 213 3.74 -17.23 -4.83
N PRO B 214 4.84 -18.00 -4.73
CA PRO B 214 5.15 -19.10 -5.64
C PRO B 214 4.18 -20.30 -5.42
N PHE B 215 3.56 -20.37 -4.26
CA PHE B 215 2.62 -21.46 -4.01
C PHE B 215 1.51 -21.40 -5.07
N ASN B 216 1.23 -20.19 -5.54
CA ASN B 216 0.14 -19.98 -6.48
C ASN B 216 0.27 -18.80 -7.46
N ASN B 217 1.43 -18.17 -7.55
CA ASN B 217 1.63 -17.03 -8.45
C ASN B 217 0.69 -15.83 -8.23
N ARG B 218 0.16 -15.69 -7.02
CA ARG B 218 -0.75 -14.56 -6.69
C ARG B 218 -0.07 -13.47 -5.85
N TRP B 219 -0.48 -12.23 -6.05
CA TRP B 219 0.09 -11.15 -5.27
C TRP B 219 -0.68 -10.97 -3.95
N TYR B 220 0.04 -10.78 -2.85
CA TYR B 220 -0.54 -10.60 -1.52
C TYR B 220 -0.08 -9.26 -0.90
N GLN B 221 -0.98 -8.55 -0.25
CA GLN B 221 -0.58 -7.30 0.35
C GLN B 221 -0.12 -7.60 1.78
N MET B 222 1.17 -7.38 2.03
CA MET B 222 1.76 -7.67 3.34
C MET B 222 1.90 -6.43 4.18
N GLY B 223 1.87 -5.27 3.54
CA GLY B 223 2.02 -4.03 4.27
C GLY B 223 1.26 -2.86 3.70
N ILE B 224 1.13 -1.80 4.52
CA ILE B 224 0.49 -0.58 4.06
C ILE B 224 1.52 0.52 4.35
N VAL B 225 1.72 1.44 3.39
CA VAL B 225 2.68 2.54 3.60
C VAL B 225 2.19 3.43 4.78
N SER B 226 2.98 3.49 5.86
CA SER B 226 2.60 4.24 7.06
C SER B 226 3.50 5.43 7.40
N TRP B 227 4.78 5.18 7.67
CA TRP B 227 5.65 6.30 8.02
C TRP B 227 7.13 6.14 7.69
N GLY B 228 7.84 7.25 7.83
CA GLY B 228 9.26 7.28 7.61
C GLY B 228 9.78 8.63 8.05
N GLU B 229 11.10 8.80 8.08
CA GLU B 229 11.68 10.09 8.45
C GLU B 229 12.47 10.52 7.24
N GLY B 230 11.98 11.54 6.57
CA GLY B 230 12.61 11.99 5.34
C GLY B 230 12.19 10.96 4.29
N CYS B 231 12.86 10.94 3.15
CA CYS B 231 12.55 9.98 2.11
C CYS B 231 13.86 9.48 1.46
N ASP B 232 13.98 8.15 1.34
CA ASP B 232 15.15 7.50 0.75
C ASP B 232 16.47 8.02 1.32
N ARG B 233 16.46 8.28 2.63
CA ARG B 233 17.63 8.79 3.34
C ARG B 233 18.55 7.63 3.73
N ASP B 234 19.84 7.82 3.58
CA ASP B 234 20.76 6.76 3.95
C ASP B 234 20.74 6.50 5.46
N GLY B 235 20.45 5.25 5.82
CA GLY B 235 20.38 4.87 7.21
C GLY B 235 18.94 4.78 7.66
N LYS B 236 18.05 5.45 6.94
CA LYS B 236 16.65 5.39 7.32
C LYS B 236 16.01 4.26 6.53
N ILE B 237 14.89 3.76 7.04
CA ILE B 237 14.13 2.71 6.37
C ILE B 237 12.63 2.98 6.56
N GLY B 238 11.87 2.92 5.48
CA GLY B 238 10.44 3.18 5.54
C GLY B 238 9.66 2.14 6.33
N PHE B 239 8.57 2.58 6.97
CA PHE B 239 7.80 1.65 7.78
C PHE B 239 6.44 1.42 7.21
N TYR B 240 5.96 0.20 7.42
CA TYR B 240 4.70 -0.24 6.87
C TYR B 240 3.89 -0.93 7.95
N THR B 241 2.57 -0.78 7.84
CA THR B 241 1.64 -1.42 8.76
C THR B 241 1.66 -2.91 8.45
N HIS B 242 1.85 -3.72 9.49
CA HIS B 242 1.90 -5.17 9.34
C HIS B 242 0.48 -5.71 9.12
N VAL B 243 0.05 -5.77 7.86
CA VAL B 243 -1.30 -6.21 7.53
C VAL B 243 -1.80 -7.52 8.18
N PHE B 244 -1.00 -8.59 8.08
CA PHE B 244 -1.40 -9.88 8.64
C PHE B 244 -1.75 -9.91 10.12
N ARG B 245 -0.92 -9.24 10.93
CA ARG B 245 -1.14 -9.19 12.39
C ARG B 245 -2.42 -8.42 12.75
N LEU B 246 -3.03 -7.81 11.74
CA LEU B 246 -4.24 -7.02 11.94
C LEU B 246 -5.45 -7.56 11.15
N LYS B 247 -5.29 -8.73 10.54
CA LYS B 247 -6.33 -9.33 9.72
C LYS B 247 -7.60 -9.68 10.50
N LYS B 248 -7.42 -10.11 11.75
CA LYS B 248 -8.59 -10.47 12.54
C LYS B 248 -9.50 -9.25 12.73
N TRP B 249 -8.89 -8.05 12.83
CA TRP B 249 -9.66 -6.83 12.98
C TRP B 249 -10.36 -6.59 11.66
N ILE B 250 -9.66 -6.91 10.58
CA ILE B 250 -10.20 -6.75 9.24
C ILE B 250 -11.42 -7.66 9.13
N GLN B 251 -11.27 -8.91 9.57
CA GLN B 251 -12.38 -9.86 9.50
C GLN B 251 -13.55 -9.36 10.35
N LYS B 252 -13.25 -8.94 11.57
CA LYS B 252 -14.28 -8.43 12.47
C LYS B 252 -15.09 -7.35 11.78
N VAL B 253 -14.40 -6.32 11.29
CA VAL B 253 -15.07 -5.24 10.62
C VAL B 253 -15.92 -5.72 9.45
N ILE B 254 -15.30 -6.40 8.50
CA ILE B 254 -15.97 -6.89 7.29
C ILE B 254 -17.17 -7.75 7.62
N ASP B 255 -16.98 -8.74 8.49
CA ASP B 255 -18.09 -9.60 8.86
C ASP B 255 -18.98 -8.89 9.88
N GLN B 256 -18.83 -7.58 9.96
CA GLN B 256 -19.60 -6.73 10.87
C GLN B 256 -20.10 -7.50 12.09
N PHE C 1 7.67 11.79 9.18
CA PHE C 1 6.65 11.25 10.13
C PHE C 1 5.60 10.45 9.35
N PRO C 2 4.31 10.83 9.47
CA PRO C 2 3.23 10.13 8.77
C PRO C 2 3.36 10.26 7.26
N ARG C 3 3.09 9.18 6.52
CA ARG C 3 3.17 9.22 5.05
C ARG C 3 1.77 9.16 4.48
#